data_5XOP
#
_entry.id   5XOP
#
_cell.length_a   44.690
_cell.length_b   101.359
_cell.length_c   107.475
_cell.angle_alpha   90.000
_cell.angle_beta   90.000
_cell.angle_gamma   90.000
#
_symmetry.space_group_name_H-M   'P 21 21 21'
#
loop_
_entity.id
_entity.type
_entity.pdbx_description
1 polymer 'Calcium-binding protein 1 (EhCBP1), putative'
2 non-polymer 'CALCIUM ION'
3 non-polymer (4S)-2-METHYL-2,4-PENTANEDIOL
4 water water
#
_entity_poly.entity_id   1
_entity_poly.type   'polypeptide(L)'
_entity_poly.pdbx_seq_one_letter_code
;MAEALFKEIDVNGDGAVSYEEVKAFVSKKRAIKNEQLLQLIFKSIDKDGDGFIDFEEFAKFYGSIA
;
_entity_poly.pdbx_strand_id   A,B,C,D,E,F
#
loop_
_chem_comp.id
_chem_comp.type
_chem_comp.name
_chem_comp.formula
CA non-polymer 'CALCIUM ION' 'Ca 2'
MPD non-polymer (4S)-2-METHYL-2,4-PENTANEDIOL 'C6 H14 O2'
#
# COMPACT_ATOMS: atom_id res chain seq x y z
N MET A 1 -14.31 13.65 18.95
CA MET A 1 -15.16 14.66 18.28
C MET A 1 -14.33 15.59 17.38
N ALA A 2 -15.05 16.38 16.59
CA ALA A 2 -14.46 17.36 15.71
C ALA A 2 -13.66 18.40 16.50
N GLU A 3 -14.25 18.91 17.57
CA GLU A 3 -13.61 19.91 18.42
C GLU A 3 -12.17 19.51 18.85
N ALA A 4 -12.03 18.44 19.63
CA ALA A 4 -10.74 17.90 20.09
C ALA A 4 -9.71 17.69 18.97
N LEU A 5 -10.22 17.19 17.86
CA LEU A 5 -9.41 16.88 16.69
C LEU A 5 -8.86 18.17 16.10
N PHE A 6 -9.72 19.18 15.97
CA PHE A 6 -9.30 20.46 15.45
C PHE A 6 -8.16 21.07 16.26
N LYS A 7 -8.32 20.95 17.57
CA LYS A 7 -7.37 21.37 18.59
C LYS A 7 -6.06 20.64 18.48
N GLU A 8 -6.14 19.32 18.44
CA GLU A 8 -4.98 18.49 18.13
C GLU A 8 -4.22 18.90 16.83
N ILE A 9 -4.94 19.14 15.76
CA ILE A 9 -4.30 19.52 14.54
C ILE A 9 -3.70 20.91 14.58
N ASP A 10 -4.38 21.83 15.29
CA ASP A 10 -3.92 23.21 15.43
C ASP A 10 -2.82 23.31 16.47
N VAL A 11 -1.62 22.83 16.09
CA VAL A 11 -0.50 22.74 17.00
C VAL A 11 -0.14 24.13 17.52
N ASN A 12 -0.19 25.18 16.72
CA ASN A 12 0.24 26.49 17.26
C ASN A 12 -0.83 27.26 18.08
N GLY A 13 -2.01 26.67 18.23
CA GLY A 13 -3.09 27.19 19.06
C GLY A 13 -3.70 28.49 18.57
N ASP A 14 -3.46 28.87 17.30
CA ASP A 14 -4.03 30.13 16.80
C ASP A 14 -5.49 30.04 16.27
N GLY A 15 -6.17 28.91 16.50
CA GLY A 15 -7.57 28.73 16.07
C GLY A 15 -7.83 28.45 14.60
N ALA A 16 -6.76 28.37 13.80
CA ALA A 16 -6.81 28.08 12.38
C ALA A 16 -5.88 26.83 12.08
N VAL A 17 -6.26 25.98 11.13
CA VAL A 17 -5.41 24.82 10.64
C VAL A 17 -4.80 25.21 9.31
N SER A 18 -3.48 25.35 9.32
CA SER A 18 -2.70 25.61 8.14
C SER A 18 -2.36 24.36 7.35
N TYR A 19 -1.98 24.51 6.12
CA TYR A 19 -1.57 23.39 5.31
C TYR A 19 -0.36 22.65 5.95
N GLU A 20 0.54 23.42 6.58
CA GLU A 20 1.73 22.84 7.24
C GLU A 20 1.27 22.00 8.39
N GLU A 21 0.25 22.50 9.07
CA GLU A 21 -0.34 21.76 10.12
C GLU A 21 -0.99 20.41 9.69
N VAL A 22 -1.66 20.40 8.55
CA VAL A 22 -2.28 19.22 8.00
C VAL A 22 -1.20 18.20 7.62
N LYS A 23 -0.13 18.70 7.02
CA LYS A 23 0.98 17.79 6.65
C LYS A 23 1.58 17.13 7.86
N ALA A 24 1.97 17.91 8.86
CA ALA A 24 2.45 17.38 10.15
C ALA A 24 1.51 16.31 10.75
N PHE A 25 0.21 16.62 10.76
CA PHE A 25 -0.76 15.78 11.39
C PHE A 25 -0.95 14.46 10.64
N VAL A 26 -0.98 14.53 9.32
CA VAL A 26 -1.10 13.34 8.48
C VAL A 26 0.12 12.43 8.72
N SER A 27 1.31 13.00 8.73
CA SER A 27 2.54 12.21 9.04
C SER A 27 2.52 11.58 10.44
N LYS A 28 2.13 12.38 11.43
CA LYS A 28 1.95 11.90 12.77
C LYS A 28 0.97 10.71 12.86
N LYS A 29 -0.19 10.85 12.26
CA LYS A 29 -1.21 9.86 12.38
C LYS A 29 -0.82 8.56 11.65
N ARG A 30 -0.17 8.69 10.50
CA ARG A 30 0.30 7.55 9.77
C ARG A 30 1.25 6.76 10.64
N ALA A 31 2.17 7.48 11.27
CA ALA A 31 3.16 6.88 12.15
C ALA A 31 2.54 6.18 13.35
N ILE A 32 1.58 6.84 13.99
CA ILE A 32 0.88 6.26 15.12
C ILE A 32 0.18 4.91 14.75
N LYS A 33 -0.52 4.91 13.65
CA LYS A 33 -1.24 3.69 13.16
C LYS A 33 -0.30 2.54 12.90
N ASN A 34 0.85 2.82 12.30
CA ASN A 34 1.86 1.79 12.03
C ASN A 34 2.39 1.24 13.29
N GLU A 35 2.76 2.13 14.21
CA GLU A 35 3.19 1.77 15.58
C GLU A 35 2.13 0.96 16.34
N GLN A 36 0.86 1.36 16.28
CA GLN A 36 -0.21 0.55 16.95
C GLN A 36 -0.28 -0.87 16.41
N LEU A 37 -0.20 -1.03 15.09
CA LEU A 37 -0.34 -2.31 14.51
C LEU A 37 0.89 -3.18 14.85
N LEU A 38 2.04 -2.61 14.74
CA LEU A 38 3.28 -3.37 15.10
C LEU A 38 3.34 -3.73 16.55
N GLN A 39 2.90 -2.84 17.43
CA GLN A 39 2.74 -3.18 18.86
C GLN A 39 1.76 -4.30 19.15
N LEU A 40 0.60 -4.28 18.51
CA LEU A 40 -0.37 -5.30 18.66
C LEU A 40 0.21 -6.64 18.24
N ILE A 41 0.92 -6.67 17.11
CA ILE A 41 1.57 -7.88 16.66
C ILE A 41 2.65 -8.34 17.66
N PHE A 42 3.54 -7.43 18.04
CA PHE A 42 4.60 -7.78 19.00
C PHE A 42 4.00 -8.34 20.32
N LYS A 43 2.99 -7.64 20.87
CA LYS A 43 2.36 -8.09 22.09
C LYS A 43 1.77 -9.47 22.00
N SER A 44 1.24 -9.84 20.86
CA SER A 44 0.67 -11.14 20.65
C SER A 44 1.75 -12.24 20.68
N ILE A 45 3.00 -11.90 20.42
CA ILE A 45 4.12 -12.88 20.48
C ILE A 45 4.77 -12.90 21.85
N ASP A 46 4.88 -11.70 22.41
CA ASP A 46 5.55 -11.47 23.68
C ASP A 46 4.60 -11.93 24.81
N LYS A 47 4.55 -13.23 24.97
CA LYS A 47 3.52 -13.84 25.79
C LYS A 47 3.68 -13.57 27.27
N ASP A 48 4.90 -13.41 27.73
CA ASP A 48 5.09 -13.03 29.14
C ASP A 48 5.13 -11.57 29.41
N GLY A 49 4.95 -10.75 28.38
CA GLY A 49 4.78 -9.34 28.54
C GLY A 49 6.01 -8.60 28.98
N ASP A 50 7.19 -9.20 28.86
CA ASP A 50 8.42 -8.49 29.33
C ASP A 50 9.07 -7.53 28.38
N GLY A 51 8.49 -7.30 27.16
CA GLY A 51 9.02 -6.34 26.24
C GLY A 51 10.06 -6.89 25.21
N PHE A 52 10.37 -8.19 25.34
CA PHE A 52 11.26 -8.89 24.42
C PHE A 52 10.55 -10.12 23.94
N ILE A 53 10.92 -10.53 22.73
CA ILE A 53 10.53 -11.89 22.29
C ILE A 53 11.72 -12.76 22.53
N ASP A 54 11.53 -13.79 23.33
CA ASP A 54 12.69 -14.71 23.54
C ASP A 54 12.56 -15.85 22.53
N PHE A 55 13.55 -16.72 22.49
CA PHE A 55 13.48 -17.77 21.47
C PHE A 55 12.30 -18.69 21.62
N GLU A 56 11.90 -18.97 22.89
CA GLU A 56 10.75 -19.86 23.13
C GLU A 56 9.46 -19.26 22.63
N GLU A 57 9.30 -17.98 22.89
CA GLU A 57 8.17 -17.22 22.36
C GLU A 57 8.18 -17.20 20.84
N PHE A 58 9.36 -16.96 20.31
CA PHE A 58 9.54 -16.91 18.83
C PHE A 58 9.15 -18.25 18.18
N ALA A 59 9.68 -19.28 18.75
CA ALA A 59 9.34 -20.62 18.22
C ALA A 59 7.86 -20.98 18.40
N LYS A 60 7.20 -20.55 19.48
CA LYS A 60 5.78 -20.74 19.63
C LYS A 60 5.04 -20.05 18.46
N PHE A 61 5.45 -18.82 18.14
CA PHE A 61 4.96 -18.06 16.95
C PHE A 61 5.36 -18.68 15.60
N TYR A 62 6.66 -18.92 15.38
CA TYR A 62 7.17 -19.52 14.09
C TYR A 62 6.47 -20.87 13.86
N GLY A 63 6.43 -21.67 14.95
CA GLY A 63 5.71 -22.92 15.03
C GLY A 63 4.25 -22.92 14.65
N SER A 64 3.56 -21.79 14.82
CA SER A 64 2.08 -21.73 14.69
C SER A 64 1.56 -21.08 13.43
N ILE A 65 2.43 -20.61 12.54
CA ILE A 65 1.94 -19.94 11.30
C ILE A 65 1.04 -20.78 10.36
N ALA A 66 0.87 -22.08 10.64
CA ALA A 66 -0.06 -22.98 9.92
C ALA A 66 -0.27 -22.65 8.45
N MET B 1 16.82 -23.83 11.16
CA MET B 1 16.05 -22.73 10.51
C MET B 1 15.41 -21.78 11.54
N ALA B 2 14.85 -22.32 12.63
CA ALA B 2 14.18 -21.44 13.67
C ALA B 2 15.18 -20.50 14.28
N GLU B 3 16.28 -21.09 14.73
CA GLU B 3 17.39 -20.28 15.27
C GLU B 3 17.92 -19.25 14.25
N ALA B 4 18.03 -19.66 12.99
CA ALA B 4 18.56 -18.75 11.94
C ALA B 4 17.67 -17.57 11.72
N LEU B 5 16.39 -17.79 11.64
CA LEU B 5 15.42 -16.65 11.49
C LEU B 5 15.44 -15.70 12.70
N PHE B 6 15.47 -16.27 13.90
CA PHE B 6 15.62 -15.49 15.15
C PHE B 6 16.94 -14.73 15.17
N LYS B 7 18.04 -15.42 14.89
CA LYS B 7 19.33 -14.73 14.83
C LYS B 7 19.36 -13.50 13.85
N GLU B 8 18.65 -13.60 12.75
CA GLU B 8 18.59 -12.55 11.81
C GLU B 8 17.96 -11.29 12.45
N ILE B 9 16.96 -11.46 13.31
CA ILE B 9 16.28 -10.33 13.96
C ILE B 9 17.08 -9.82 15.16
N ASP B 10 17.67 -10.76 15.87
CA ASP B 10 18.45 -10.48 17.07
C ASP B 10 19.83 -9.94 16.71
N VAL B 11 19.87 -8.67 16.23
CA VAL B 11 21.13 -8.11 15.68
C VAL B 11 22.20 -7.93 16.77
N ASN B 12 21.86 -7.68 18.03
CA ASN B 12 22.97 -7.61 19.00
C ASN B 12 23.32 -8.90 19.66
N GLY B 13 22.69 -10.02 19.28
CA GLY B 13 23.15 -11.31 19.79
C GLY B 13 22.87 -11.59 21.24
N ASP B 14 21.94 -10.88 21.88
CA ASP B 14 21.78 -11.14 23.31
C ASP B 14 20.72 -12.26 23.58
N GLY B 15 20.23 -12.88 22.52
CA GLY B 15 19.25 -13.93 22.65
C GLY B 15 17.83 -13.49 22.85
N ALA B 16 17.55 -12.20 22.66
CA ALA B 16 16.23 -11.68 22.87
C ALA B 16 16.00 -10.70 21.74
N VAL B 17 14.79 -10.70 21.24
CA VAL B 17 14.39 -9.73 20.25
C VAL B 17 13.61 -8.61 20.88
N SER B 18 14.13 -7.41 20.79
CA SER B 18 13.44 -6.27 21.38
C SER B 18 12.44 -5.73 20.38
N TYR B 19 11.56 -4.85 20.88
CA TYR B 19 10.63 -4.14 20.00
C TYR B 19 11.38 -3.28 18.97
N GLU B 20 12.50 -2.63 19.35
CA GLU B 20 13.25 -1.86 18.35
C GLU B 20 13.87 -2.77 17.30
N GLU B 21 14.30 -3.96 17.68
CA GLU B 21 14.84 -4.89 16.72
C GLU B 21 13.78 -5.37 15.78
N VAL B 22 12.51 -5.53 16.22
CA VAL B 22 11.44 -5.90 15.31
C VAL B 22 11.18 -4.81 14.28
N LYS B 23 11.12 -3.57 14.73
CA LYS B 23 10.86 -2.43 13.86
C LYS B 23 11.93 -2.31 12.85
N ALA B 24 13.18 -2.51 13.28
CA ALA B 24 14.27 -2.37 12.37
C ALA B 24 14.26 -3.48 11.31
N PHE B 25 13.93 -4.69 11.76
CA PHE B 25 13.80 -5.81 10.87
C PHE B 25 12.68 -5.63 9.85
N VAL B 26 11.51 -5.18 10.23
CA VAL B 26 10.41 -4.98 9.36
C VAL B 26 10.82 -3.90 8.28
N SER B 27 11.53 -2.85 8.68
CA SER B 27 12.06 -1.87 7.73
C SER B 27 13.08 -2.43 6.80
N LYS B 28 14.03 -3.18 7.31
CA LYS B 28 15.09 -3.73 6.49
C LYS B 28 14.50 -4.66 5.41
N LYS B 29 13.58 -5.53 5.80
CA LYS B 29 12.93 -6.47 4.88
C LYS B 29 12.11 -5.78 3.83
N ARG B 30 11.45 -4.72 4.20
CA ARG B 30 10.67 -4.00 3.23
C ARG B 30 11.61 -3.29 2.21
N ALA B 31 12.68 -2.72 2.72
CA ALA B 31 13.72 -2.06 1.88
C ALA B 31 14.42 -3.04 0.91
N ILE B 32 14.79 -4.20 1.42
CA ILE B 32 15.29 -5.28 0.57
C ILE B 32 14.32 -5.67 -0.53
N LYS B 33 13.03 -5.86 -0.21
CA LYS B 33 12.05 -6.22 -1.22
C LYS B 33 11.93 -5.14 -2.25
N ASN B 34 11.89 -3.90 -1.82
CA ASN B 34 11.78 -2.80 -2.81
C ASN B 34 13.04 -2.72 -3.72
N GLU B 35 14.22 -2.86 -3.16
CA GLU B 35 15.49 -2.90 -3.94
C GLU B 35 15.48 -4.02 -4.94
N GLN B 36 15.11 -5.22 -4.48
CA GLN B 36 15.05 -6.38 -5.32
C GLN B 36 14.13 -6.16 -6.53
N LEU B 37 12.93 -5.65 -6.28
CA LEU B 37 11.98 -5.37 -7.31
C LEU B 37 12.55 -4.36 -8.32
N LEU B 38 13.07 -3.26 -7.79
CA LEU B 38 13.58 -2.17 -8.63
C LEU B 38 14.79 -2.62 -9.50
N GLN B 39 15.69 -3.36 -8.88
CA GLN B 39 16.81 -3.99 -9.56
C GLN B 39 16.36 -4.92 -10.70
N LEU B 40 15.32 -5.70 -10.44
CA LEU B 40 14.74 -6.56 -11.45
C LEU B 40 14.16 -5.81 -12.64
N ILE B 41 13.46 -4.72 -12.35
CA ILE B 41 12.96 -3.86 -13.39
C ILE B 41 14.09 -3.22 -14.18
N PHE B 42 15.02 -2.65 -13.44
CA PHE B 42 16.21 -2.07 -14.07
C PHE B 42 16.92 -3.04 -15.06
N LYS B 43 17.26 -4.22 -14.59
CA LYS B 43 17.90 -5.22 -15.37
C LYS B 43 17.09 -5.60 -16.57
N SER B 44 15.77 -5.60 -16.48
CA SER B 44 14.95 -5.89 -17.62
C SER B 44 15.01 -4.81 -18.66
N ILE B 45 15.21 -3.57 -18.26
CA ILE B 45 15.34 -2.44 -19.23
C ILE B 45 16.78 -2.43 -19.86
N ASP B 46 17.77 -2.76 -19.04
CA ASP B 46 19.20 -2.70 -19.39
C ASP B 46 19.50 -3.90 -20.31
N LYS B 47 19.06 -3.81 -21.57
CA LYS B 47 19.19 -4.94 -22.51
C LYS B 47 20.66 -5.39 -22.74
N ASP B 48 21.61 -4.49 -22.77
CA ASP B 48 22.98 -4.95 -23.05
C ASP B 48 23.73 -5.36 -21.79
N GLY B 49 23.10 -5.19 -20.63
CA GLY B 49 23.66 -5.65 -19.36
C GLY B 49 24.86 -4.84 -18.91
N ASP B 50 25.02 -3.64 -19.41
CA ASP B 50 26.23 -2.88 -19.07
C ASP B 50 26.08 -2.07 -17.76
N GLY B 51 24.89 -2.21 -17.10
CA GLY B 51 24.65 -1.54 -15.80
C GLY B 51 24.04 -0.18 -15.88
N PHE B 52 23.76 0.27 -17.11
CA PHE B 52 23.25 1.57 -17.40
C PHE B 52 22.11 1.46 -18.40
N ILE B 53 21.24 2.46 -18.43
CA ILE B 53 20.12 2.47 -19.31
C ILE B 53 20.45 3.55 -20.29
N ASP B 54 20.57 3.20 -21.57
CA ASP B 54 20.80 4.24 -22.63
C ASP B 54 19.50 4.73 -23.21
N PHE B 55 19.53 5.77 -24.03
CA PHE B 55 18.25 6.23 -24.59
C PHE B 55 17.52 5.15 -25.36
N GLU B 56 18.23 4.38 -26.17
CA GLU B 56 17.61 3.30 -26.97
C GLU B 56 16.82 2.27 -26.14
N GLU B 57 17.47 1.83 -25.06
CA GLU B 57 16.89 0.92 -24.09
C GLU B 57 15.68 1.57 -23.43
N PHE B 58 15.82 2.84 -23.12
CA PHE B 58 14.74 3.57 -22.47
C PHE B 58 13.52 3.72 -23.41
N ALA B 59 13.75 4.13 -24.66
CA ALA B 59 12.68 4.19 -25.68
C ALA B 59 11.97 2.85 -25.90
N LYS B 60 12.71 1.75 -25.91
CA LYS B 60 12.12 0.44 -26.06
C LYS B 60 11.22 0.12 -24.91
N PHE B 61 11.60 0.61 -23.73
CA PHE B 61 10.83 0.27 -22.54
C PHE B 61 9.59 1.15 -22.48
N TYR B 62 9.76 2.46 -22.70
CA TYR B 62 8.65 3.40 -22.69
C TYR B 62 7.59 3.02 -23.71
N GLY B 63 8.05 2.62 -24.89
CA GLY B 63 7.18 2.21 -25.98
C GLY B 63 6.34 0.98 -25.66
N SER B 64 6.94 -0.01 -25.03
CA SER B 64 6.25 -1.29 -24.79
C SER B 64 5.46 -1.35 -23.47
N ILE B 65 5.37 -0.24 -22.74
CA ILE B 65 4.40 -0.12 -21.65
C ILE B 65 3.17 0.71 -22.09
N ALA B 66 3.39 1.83 -22.79
CA ALA B 66 2.32 2.72 -23.27
C ALA B 66 2.80 3.63 -24.38
N MET C 1 6.59 12.03 -23.43
CA MET C 1 7.48 11.62 -24.57
C MET C 1 8.79 11.01 -24.07
N ALA C 2 9.18 9.90 -24.71
CA ALA C 2 10.35 9.13 -24.32
C ALA C 2 11.58 10.02 -24.07
N GLU C 3 11.86 10.98 -24.95
CA GLU C 3 13.10 11.78 -24.85
C GLU C 3 13.16 12.70 -23.64
N ALA C 4 12.05 13.37 -23.31
CA ALA C 4 12.08 14.33 -22.19
C ALA C 4 12.24 13.59 -20.85
N LEU C 5 11.45 12.54 -20.65
CA LEU C 5 11.56 11.67 -19.46
C LEU C 5 13.02 11.23 -19.18
N PHE C 6 13.66 10.77 -20.25
CA PHE C 6 15.05 10.35 -20.16
C PHE C 6 15.91 11.47 -19.61
N LYS C 7 15.74 12.67 -20.16
CA LYS C 7 16.59 13.80 -19.79
C LYS C 7 16.40 14.21 -18.33
N GLU C 8 15.14 14.15 -17.89
CA GLU C 8 14.78 14.42 -16.49
C GLU C 8 15.37 13.38 -15.54
N ILE C 9 15.28 12.09 -15.87
CA ILE C 9 15.89 11.03 -15.02
C ILE C 9 17.42 11.15 -15.00
N ASP C 10 17.98 11.48 -16.14
CA ASP C 10 19.41 11.62 -16.25
C ASP C 10 19.83 13.02 -15.71
N VAL C 11 20.08 13.05 -14.42
CA VAL C 11 20.32 14.29 -13.69
C VAL C 11 21.69 14.84 -14.08
N ASN C 12 22.72 14.00 -14.16
CA ASN C 12 24.05 14.48 -14.58
C ASN C 12 24.17 14.62 -16.11
N GLY C 13 23.08 14.51 -16.84
CA GLY C 13 23.06 14.67 -18.29
C GLY C 13 24.18 14.00 -19.09
N ASP C 14 24.76 12.91 -18.58
CA ASP C 14 25.79 12.13 -19.34
C ASP C 14 25.21 11.16 -20.37
N GLY C 15 23.89 11.16 -20.59
CA GLY C 15 23.23 10.24 -21.52
C GLY C 15 23.18 8.74 -21.13
N ALA C 16 23.47 8.43 -19.88
CA ALA C 16 23.28 7.11 -19.30
C ALA C 16 22.53 7.26 -17.99
N VAL C 17 21.37 6.63 -17.90
CA VAL C 17 20.59 6.53 -16.65
C VAL C 17 21.13 5.39 -15.79
N SER C 18 21.67 5.76 -14.64
CA SER C 18 22.17 4.85 -13.64
C SER C 18 21.05 4.29 -12.75
N TYR C 19 21.33 3.19 -12.06
CA TYR C 19 20.42 2.64 -11.08
C TYR C 19 20.04 3.68 -10.03
N GLU C 20 21.06 4.44 -9.60
CA GLU C 20 20.85 5.45 -8.56
C GLU C 20 19.93 6.56 -9.12
N GLU C 21 20.08 6.94 -10.40
CA GLU C 21 19.17 7.91 -10.96
C GLU C 21 17.78 7.41 -11.10
N VAL C 22 17.62 6.13 -11.35
CA VAL C 22 16.28 5.57 -11.47
C VAL C 22 15.62 5.67 -10.07
N LYS C 23 16.32 5.18 -9.05
CA LYS C 23 15.85 5.20 -7.66
C LYS C 23 15.49 6.60 -7.22
N ALA C 24 16.34 7.59 -7.53
CA ALA C 24 16.04 9.00 -7.16
C ALA C 24 14.77 9.50 -7.83
N PHE C 25 14.61 9.14 -9.09
CA PHE C 25 13.49 9.59 -9.87
C PHE C 25 12.14 9.04 -9.39
N VAL C 26 12.13 7.75 -9.05
CA VAL C 26 10.92 7.10 -8.56
C VAL C 26 10.52 7.78 -7.20
N SER C 27 11.48 8.02 -6.33
CA SER C 27 11.22 8.63 -5.03
C SER C 27 10.69 10.03 -5.19
N LYS C 28 11.26 10.75 -6.15
CA LYS C 28 10.86 12.11 -6.47
C LYS C 28 9.47 12.15 -6.96
N LYS C 29 9.11 11.24 -7.88
CA LYS C 29 7.72 11.21 -8.39
C LYS C 29 6.68 10.84 -7.34
N ARG C 30 7.02 9.88 -6.50
CA ARG C 30 6.14 9.45 -5.45
C ARG C 30 5.89 10.65 -4.53
N ALA C 31 6.94 11.33 -4.14
CA ALA C 31 6.82 12.51 -3.28
C ALA C 31 5.94 13.59 -3.87
N ILE C 32 6.12 13.85 -5.16
CA ILE C 32 5.36 14.87 -5.85
C ILE C 32 3.88 14.51 -5.89
N LYS C 33 3.57 13.27 -6.21
CA LYS C 33 2.18 12.84 -6.25
C LYS C 33 1.49 12.89 -4.90
N ASN C 34 2.19 12.50 -3.83
CA ASN C 34 1.60 12.56 -2.51
C ASN C 34 1.33 13.99 -2.10
N GLU C 35 2.27 14.88 -2.36
CA GLU C 35 2.07 16.35 -2.11
C GLU C 35 0.90 16.93 -2.93
N GLN C 36 0.76 16.52 -4.19
CA GLN C 36 -0.39 16.96 -5.04
C GLN C 36 -1.72 16.50 -4.50
N LEU C 37 -1.77 15.26 -4.08
CA LEU C 37 -2.99 14.77 -3.46
C LEU C 37 -3.39 15.48 -2.16
N LEU C 38 -2.41 15.68 -1.30
CA LEU C 38 -2.68 16.37 -0.08
C LEU C 38 -3.15 17.81 -0.33
N GLN C 39 -2.57 18.51 -1.29
CA GLN C 39 -2.99 19.88 -1.57
C GLN C 39 -4.43 19.87 -2.13
N LEU C 40 -4.70 18.90 -2.99
CA LEU C 40 -6.05 18.79 -3.62
C LEU C 40 -7.05 18.60 -2.53
N ILE C 41 -6.77 17.68 -1.58
CA ILE C 41 -7.61 17.49 -0.40
C ILE C 41 -7.75 18.76 0.48
N PHE C 42 -6.62 19.38 0.84
CA PHE C 42 -6.68 20.66 1.57
C PHE C 42 -7.66 21.73 0.87
N LYS C 43 -7.41 22.01 -0.38
CA LYS C 43 -8.19 22.97 -1.16
C LYS C 43 -9.68 22.59 -1.16
N SER C 44 -10.00 21.30 -1.12
CA SER C 44 -11.40 20.88 -1.00
C SER C 44 -12.05 21.21 0.34
N ILE C 45 -11.28 21.14 1.42
CA ILE C 45 -11.79 21.47 2.72
C ILE C 45 -11.90 23.00 2.92
N ASP C 46 -10.93 23.74 2.36
CA ASP C 46 -10.82 25.20 2.53
C ASP C 46 -11.83 25.90 1.58
N LYS C 47 -13.10 25.86 1.96
CA LYS C 47 -14.23 26.35 1.10
C LYS C 47 -14.02 27.77 0.67
N ASP C 48 -13.80 28.66 1.64
CA ASP C 48 -13.63 30.10 1.35
C ASP C 48 -12.30 30.50 0.74
N GLY C 49 -11.46 29.52 0.36
CA GLY C 49 -10.20 29.73 -0.40
C GLY C 49 -9.07 30.54 0.26
N ASP C 50 -9.15 30.78 1.56
CA ASP C 50 -8.20 31.71 2.19
C ASP C 50 -6.84 31.10 2.63
N GLY C 51 -6.61 29.81 2.37
CA GLY C 51 -5.37 29.14 2.78
C GLY C 51 -5.39 28.50 4.15
N PHE C 52 -6.49 28.59 4.90
CA PHE C 52 -6.55 28.00 6.23
C PHE C 52 -7.82 27.23 6.36
N ILE C 53 -7.87 26.29 7.27
CA ILE C 53 -9.12 25.57 7.53
C ILE C 53 -9.62 26.09 8.85
N ASP C 54 -10.77 26.83 8.85
CA ASP C 54 -11.37 27.23 10.13
C ASP C 54 -12.15 26.06 10.77
N PHE C 55 -12.62 26.24 12.00
CA PHE C 55 -13.31 25.18 12.68
C PHE C 55 -14.60 24.78 11.96
N GLU C 56 -15.31 25.75 11.38
CA GLU C 56 -16.53 25.41 10.65
C GLU C 56 -16.27 24.67 9.35
N GLU C 57 -15.25 25.06 8.58
CA GLU C 57 -14.80 24.25 7.43
C GLU C 57 -14.41 22.82 7.85
N PHE C 58 -13.70 22.72 8.98
CA PHE C 58 -13.32 21.42 9.50
C PHE C 58 -14.50 20.54 9.87
N ALA C 59 -15.38 21.09 10.72
CA ALA C 59 -16.59 20.40 11.18
C ALA C 59 -17.41 19.78 10.04
N LYS C 60 -17.57 20.54 8.98
CA LYS C 60 -18.25 20.09 7.76
C LYS C 60 -17.55 18.92 7.07
N PHE C 61 -16.22 19.04 6.94
CA PHE C 61 -15.42 17.96 6.38
C PHE C 61 -15.58 16.72 7.22
N TYR C 62 -15.45 16.86 8.55
CA TYR C 62 -15.48 15.74 9.48
C TYR C 62 -16.84 14.99 9.59
N GLY C 63 -17.98 15.69 9.60
CA GLY C 63 -19.28 14.99 9.62
C GLY C 63 -19.50 14.22 8.32
N SER C 64 -19.02 14.82 7.23
CA SER C 64 -19.18 14.30 5.89
C SER C 64 -18.34 13.07 5.48
N ILE C 65 -17.24 12.79 6.17
CA ILE C 65 -16.56 11.50 5.96
C ILE C 65 -17.46 10.47 6.63
N ALA C 66 -18.34 9.89 5.80
CA ALA C 66 -19.43 9.03 6.25
C ALA C 66 -19.58 7.84 5.32
N MET D 1 8.24 -25.07 4.42
CA MET D 1 9.45 -25.33 3.60
C MET D 1 9.15 -25.29 2.09
N ALA D 2 10.24 -25.34 1.33
CA ALA D 2 10.24 -25.11 -0.11
C ALA D 2 9.43 -26.14 -0.88
N GLU D 3 9.50 -27.42 -0.49
CA GLU D 3 8.83 -28.43 -1.29
C GLU D 3 7.39 -28.34 -0.95
N ALA D 4 7.07 -28.11 0.30
CA ALA D 4 5.67 -27.98 0.65
C ALA D 4 5.06 -26.84 -0.20
N LEU D 5 5.80 -25.72 -0.25
CA LEU D 5 5.38 -24.52 -1.03
C LEU D 5 5.22 -24.80 -2.53
N PHE D 6 6.30 -25.30 -3.14
CA PHE D 6 6.29 -25.72 -4.51
C PHE D 6 5.14 -26.65 -4.83
N LYS D 7 4.91 -27.69 -4.02
CA LYS D 7 3.76 -28.58 -4.26
C LYS D 7 2.42 -27.87 -4.16
N GLU D 8 2.27 -26.96 -3.19
CA GLU D 8 1.09 -26.15 -3.06
C GLU D 8 0.85 -25.28 -4.35
N ILE D 9 1.92 -24.72 -4.91
CA ILE D 9 1.80 -23.83 -6.15
C ILE D 9 1.49 -24.68 -7.37
N ASP D 10 2.08 -25.86 -7.43
CA ASP D 10 1.90 -26.80 -8.55
C ASP D 10 0.54 -27.46 -8.46
N VAL D 11 -0.51 -26.67 -8.69
CA VAL D 11 -1.85 -27.16 -8.55
C VAL D 11 -2.15 -28.46 -9.31
N ASN D 12 -1.71 -28.57 -10.56
CA ASN D 12 -2.07 -29.71 -11.37
C ASN D 12 -1.17 -30.91 -11.07
N GLY D 13 -0.15 -30.74 -10.23
CA GLY D 13 0.69 -31.83 -9.80
C GLY D 13 1.57 -32.40 -10.89
N ASP D 14 1.95 -31.63 -11.88
CA ASP D 14 2.78 -32.18 -12.97
C ASP D 14 4.31 -31.97 -12.74
N GLY D 15 4.71 -31.47 -11.56
CA GLY D 15 6.12 -31.26 -11.27
C GLY D 15 6.69 -29.99 -11.82
N ALA D 16 5.89 -29.16 -12.52
CA ALA D 16 6.34 -27.90 -13.07
C ALA D 16 5.35 -26.76 -12.58
N VAL D 17 5.92 -25.60 -12.28
CA VAL D 17 5.11 -24.42 -11.91
C VAL D 17 5.01 -23.55 -13.17
N SER D 18 3.78 -23.46 -13.67
CA SER D 18 3.45 -22.63 -14.80
C SER D 18 3.17 -21.15 -14.41
N TYR D 19 3.20 -20.27 -15.38
CA TYR D 19 2.87 -18.91 -15.17
C TYR D 19 1.38 -18.81 -14.61
N GLU D 20 0.45 -19.58 -15.16
CA GLU D 20 -0.96 -19.52 -14.65
C GLU D 20 -1.01 -19.96 -13.23
N GLU D 21 -0.13 -20.90 -12.86
CA GLU D 21 -0.09 -21.34 -11.50
C GLU D 21 0.44 -20.26 -10.58
N VAL D 22 1.47 -19.57 -11.02
CA VAL D 22 1.98 -18.49 -10.24
C VAL D 22 0.94 -17.40 -10.01
N LYS D 23 0.24 -17.07 -11.07
CA LYS D 23 -0.83 -16.08 -10.94
C LYS D 23 -1.92 -16.49 -9.95
N ALA D 24 -2.41 -17.72 -10.07
CA ALA D 24 -3.39 -18.26 -9.16
C ALA D 24 -2.94 -18.19 -7.70
N PHE D 25 -1.69 -18.59 -7.48
CA PHE D 25 -1.12 -18.57 -6.16
C PHE D 25 -0.94 -17.18 -5.56
N VAL D 26 -0.49 -16.20 -6.33
CA VAL D 26 -0.26 -14.86 -5.80
C VAL D 26 -1.61 -14.32 -5.28
N SER D 27 -2.67 -14.51 -6.01
CA SER D 27 -3.98 -14.06 -5.56
C SER D 27 -4.41 -14.80 -4.33
N LYS D 28 -4.22 -16.12 -4.30
CA LYS D 28 -4.55 -16.96 -3.15
C LYS D 28 -3.84 -16.49 -1.91
N LYS D 29 -2.54 -16.31 -2.03
CA LYS D 29 -1.67 -16.04 -0.89
C LYS D 29 -1.96 -14.62 -0.36
N ARG D 30 -2.18 -13.70 -1.28
CA ARG D 30 -2.58 -12.33 -0.92
C ARG D 30 -3.82 -12.40 -0.02
N ALA D 31 -4.81 -13.17 -0.45
CA ALA D 31 -6.11 -13.27 0.28
C ALA D 31 -5.83 -13.85 1.64
N ILE D 32 -5.06 -14.92 1.70
CA ILE D 32 -4.73 -15.60 2.95
C ILE D 32 -4.02 -14.66 3.96
N LYS D 33 -3.05 -13.89 3.47
CA LYS D 33 -2.25 -12.98 4.31
C LYS D 33 -3.12 -11.87 4.91
N ASN D 34 -4.09 -11.35 4.13
CA ASN D 34 -4.98 -10.34 4.59
C ASN D 34 -5.93 -10.92 5.66
N GLU D 35 -6.45 -12.15 5.44
CA GLU D 35 -7.22 -12.85 6.48
C GLU D 35 -6.43 -13.12 7.74
N GLN D 36 -5.21 -13.61 7.59
CA GLN D 36 -4.38 -13.90 8.73
C GLN D 36 -4.12 -12.67 9.62
N LEU D 37 -3.89 -11.52 9.01
CA LEU D 37 -3.67 -10.33 9.74
C LEU D 37 -4.93 -9.90 10.50
N LEU D 38 -6.06 -9.87 9.81
CA LEU D 38 -7.33 -9.54 10.47
C LEU D 38 -7.66 -10.48 11.62
N GLN D 39 -7.45 -11.78 11.43
CA GLN D 39 -7.52 -12.78 12.46
C GLN D 39 -6.66 -12.52 13.69
N LEU D 40 -5.40 -12.16 13.50
CA LEU D 40 -4.50 -11.88 14.60
C LEU D 40 -5.05 -10.70 15.43
N ILE D 41 -5.50 -9.68 14.73
CA ILE D 41 -6.12 -8.51 15.38
C ILE D 41 -7.33 -8.93 16.17
N PHE D 42 -8.24 -9.66 15.50
CA PHE D 42 -9.44 -10.13 16.16
C PHE D 42 -9.14 -10.90 17.45
N LYS D 43 -8.28 -11.88 17.35
CA LYS D 43 -7.92 -12.71 18.47
C LYS D 43 -7.36 -11.84 19.59
N SER D 44 -6.58 -10.82 19.27
CA SER D 44 -6.04 -9.95 20.32
C SER D 44 -7.12 -9.24 21.07
N ILE D 45 -8.22 -8.89 20.43
CA ILE D 45 -9.34 -8.18 21.08
C ILE D 45 -10.18 -9.13 21.91
N ASP D 46 -10.32 -10.40 21.42
CA ASP D 46 -11.20 -11.40 22.03
C ASP D 46 -10.47 -12.00 23.26
N LYS D 47 -10.47 -11.23 24.34
CA LYS D 47 -9.76 -11.66 25.55
C LYS D 47 -10.28 -12.95 26.09
N ASP D 48 -11.59 -13.18 26.18
CA ASP D 48 -12.01 -14.44 26.76
C ASP D 48 -11.95 -15.72 25.84
N GLY D 49 -11.51 -15.56 24.58
CA GLY D 49 -11.46 -16.65 23.56
C GLY D 49 -12.69 -17.43 23.20
N ASP D 50 -13.86 -16.85 23.44
CA ASP D 50 -15.07 -17.44 22.99
C ASP D 50 -15.33 -17.32 21.45
N GLY D 51 -14.44 -16.66 20.72
CA GLY D 51 -14.58 -16.47 19.28
C GLY D 51 -15.37 -15.24 18.89
N PHE D 52 -15.78 -14.43 19.89
CA PHE D 52 -16.62 -13.24 19.61
C PHE D 52 -16.01 -12.09 20.40
N ILE D 53 -16.26 -10.88 19.92
CA ILE D 53 -15.88 -9.65 20.64
C ILE D 53 -17.12 -9.12 21.36
N ASP D 54 -17.11 -9.13 22.68
CA ASP D 54 -18.24 -8.49 23.38
C ASP D 54 -17.96 -6.97 23.59
N PHE D 55 -18.96 -6.24 24.06
CA PHE D 55 -18.74 -4.80 24.17
C PHE D 55 -17.59 -4.39 25.10
N GLU D 56 -17.44 -5.02 26.25
CA GLU D 56 -16.37 -4.64 27.15
C GLU D 56 -14.96 -4.97 26.52
N GLU D 57 -14.85 -6.08 25.77
CA GLU D 57 -13.61 -6.31 24.97
C GLU D 57 -13.36 -5.27 23.90
N PHE D 58 -14.43 -4.93 23.17
CA PHE D 58 -14.32 -3.91 22.14
C PHE D 58 -13.90 -2.51 22.69
N ALA D 59 -14.53 -2.10 23.79
CA ALA D 59 -14.28 -0.81 24.42
C ALA D 59 -12.90 -0.71 24.90
N LYS D 60 -12.41 -1.83 25.39
CA LYS D 60 -11.02 -1.86 25.83
C LYS D 60 -10.07 -1.64 24.69
N PHE D 61 -10.29 -2.36 23.60
CA PHE D 61 -9.49 -2.16 22.35
C PHE D 61 -9.59 -0.70 21.82
N TYR D 62 -10.83 -0.17 21.74
CA TYR D 62 -11.06 1.12 21.19
C TYR D 62 -10.31 2.18 22.01
N GLY D 63 -10.40 2.05 23.33
CA GLY D 63 -9.71 2.93 24.24
C GLY D 63 -8.19 2.93 24.02
N SER D 64 -7.64 1.76 23.74
CA SER D 64 -6.22 1.56 23.61
C SER D 64 -5.72 2.24 22.36
N ILE D 65 -6.54 2.43 21.32
CA ILE D 65 -6.10 3.05 20.12
C ILE D 65 -6.49 4.52 19.97
N ALA D 66 -7.29 5.07 20.87
CA ALA D 66 -8.17 6.28 20.57
C ALA D 66 -7.34 7.56 20.33
N MET E 1 -18.35 5.56 25.16
CA MET E 1 -17.17 5.39 24.26
C MET E 1 -17.33 4.06 23.54
N ALA E 2 -17.21 4.06 22.18
CA ALA E 2 -17.19 2.84 21.40
C ALA E 2 -18.60 2.25 21.15
N GLU E 3 -19.65 2.69 21.84
CA GLU E 3 -20.92 2.08 21.71
C GLU E 3 -21.53 2.16 20.32
N ALA E 4 -21.50 3.36 19.70
CA ALA E 4 -22.08 3.58 18.38
C ALA E 4 -21.39 2.70 17.34
N LEU E 5 -20.06 2.63 17.42
CA LEU E 5 -19.30 1.82 16.47
C LEU E 5 -19.61 0.32 16.68
N PHE E 6 -19.63 -0.15 17.93
CA PHE E 6 -19.95 -1.54 18.21
C PHE E 6 -21.32 -1.88 17.65
N LYS E 7 -22.33 -1.02 17.87
CA LYS E 7 -23.63 -1.31 17.37
C LYS E 7 -23.74 -1.33 15.85
N GLU E 8 -22.92 -0.53 15.20
CA GLU E 8 -22.87 -0.44 13.75
C GLU E 8 -22.25 -1.72 13.18
N ILE E 9 -21.24 -2.25 13.85
CA ILE E 9 -20.61 -3.52 13.43
C ILE E 9 -21.51 -4.74 13.67
N ASP E 10 -22.20 -4.78 14.82
CA ASP E 10 -23.01 -5.87 15.31
C ASP E 10 -24.33 -5.78 14.57
N VAL E 11 -24.34 -6.46 13.44
CA VAL E 11 -25.45 -6.32 12.47
C VAL E 11 -26.68 -7.15 12.88
N ASN E 12 -26.48 -8.27 13.56
CA ASN E 12 -27.62 -9.06 14.01
C ASN E 12 -28.11 -8.75 15.43
N GLY E 13 -27.49 -7.83 16.17
CA GLY E 13 -28.01 -7.39 17.44
C GLY E 13 -27.87 -8.40 18.56
N ASP E 14 -26.92 -9.32 18.46
CA ASP E 14 -26.76 -10.32 19.51
C ASP E 14 -25.86 -9.87 20.64
N GLY E 15 -25.34 -8.64 20.56
CA GLY E 15 -24.40 -8.06 21.54
C GLY E 15 -23.00 -8.61 21.39
N ALA E 16 -22.75 -9.25 20.27
CA ALA E 16 -21.41 -9.79 19.95
C ALA E 16 -21.01 -9.30 18.53
N VAL E 17 -19.73 -9.02 18.35
CA VAL E 17 -19.14 -8.73 17.08
C VAL E 17 -18.31 -9.99 16.66
N SER E 18 -18.76 -10.61 15.57
CA SER E 18 -18.08 -11.82 15.04
C SER E 18 -17.01 -11.40 14.03
N TYR E 19 -16.08 -12.34 13.78
CA TYR E 19 -15.05 -12.12 12.84
C TYR E 19 -15.65 -11.73 11.44
N GLU E 20 -16.76 -12.36 11.05
CA GLU E 20 -17.37 -12.06 9.75
C GLU E 20 -17.96 -10.65 9.79
N GLU E 21 -18.50 -10.25 10.92
CA GLU E 21 -19.02 -8.85 11.02
C GLU E 21 -17.93 -7.83 10.93
N VAL E 22 -16.76 -8.12 11.53
CA VAL E 22 -15.64 -7.23 11.46
C VAL E 22 -15.16 -7.14 10.01
N LYS E 23 -14.98 -8.29 9.39
CA LYS E 23 -14.54 -8.31 8.01
C LYS E 23 -15.44 -7.52 7.03
N ALA E 24 -16.73 -7.74 7.16
CA ALA E 24 -17.76 -7.05 6.32
C ALA E 24 -17.71 -5.56 6.59
N PHE E 25 -17.61 -5.14 7.84
CA PHE E 25 -17.44 -3.78 8.16
C PHE E 25 -16.17 -3.10 7.61
N VAL E 26 -15.01 -3.72 7.79
CA VAL E 26 -13.76 -3.18 7.30
C VAL E 26 -13.88 -3.02 5.72
N SER E 27 -14.41 -4.00 5.07
CA SER E 27 -14.52 -3.95 3.58
C SER E 27 -15.43 -2.83 3.13
N LYS E 28 -16.56 -2.71 3.83
CA LYS E 28 -17.54 -1.67 3.62
C LYS E 28 -16.91 -0.28 3.79
N LYS E 29 -16.23 -0.07 4.89
CA LYS E 29 -15.58 1.19 5.13
C LYS E 29 -14.48 1.48 4.15
N ARG E 30 -13.71 0.48 3.73
CA ARG E 30 -12.64 0.68 2.80
C ARG E 30 -13.20 1.08 1.40
N ALA E 31 -14.27 0.42 0.98
CA ALA E 31 -14.96 0.69 -0.32
C ALA E 31 -15.44 2.15 -0.34
N ILE E 32 -16.10 2.57 0.73
CA ILE E 32 -16.60 3.95 0.81
C ILE E 32 -15.44 4.98 0.78
N LYS E 33 -14.35 4.69 1.47
CA LYS E 33 -13.24 5.62 1.53
C LYS E 33 -12.56 5.82 0.15
N ASN E 34 -12.33 4.70 -0.55
CA ASN E 34 -11.75 4.74 -1.87
C ASN E 34 -12.70 5.51 -2.83
N GLU E 35 -14.00 5.31 -2.67
CA GLU E 35 -15.00 6.02 -3.50
C GLU E 35 -14.98 7.50 -3.21
N GLN E 36 -14.97 7.87 -1.94
CA GLN E 36 -14.94 9.26 -1.57
C GLN E 36 -13.71 9.93 -2.08
N LEU E 37 -12.56 9.25 -2.02
CA LEU E 37 -11.35 9.85 -2.53
C LEU E 37 -11.38 10.07 -4.04
N LEU E 38 -11.77 9.05 -4.75
CA LEU E 38 -11.76 9.15 -6.23
C LEU E 38 -12.76 10.23 -6.70
N GLN E 39 -13.91 10.26 -6.04
CA GLN E 39 -14.92 11.32 -6.27
C GLN E 39 -14.38 12.73 -6.00
N LEU E 40 -13.66 12.89 -4.91
CA LEU E 40 -13.00 14.14 -4.61
C LEU E 40 -12.06 14.57 -5.71
N ILE E 41 -11.21 13.65 -6.19
CA ILE E 41 -10.32 13.96 -7.26
C ILE E 41 -11.12 14.35 -8.54
N PHE E 42 -12.10 13.55 -8.86
CA PHE E 42 -12.91 13.80 -10.08
C PHE E 42 -13.51 15.18 -10.08
N LYS E 43 -14.16 15.50 -8.97
CA LYS E 43 -14.82 16.79 -8.76
C LYS E 43 -13.85 17.94 -8.78
N SER E 44 -12.66 17.74 -8.28
CA SER E 44 -11.71 18.83 -8.37
C SER E 44 -11.33 19.13 -9.81
N ILE E 45 -11.33 18.13 -10.68
CA ILE E 45 -11.01 18.36 -12.06
C ILE E 45 -12.22 18.88 -12.88
N ASP E 46 -13.43 18.48 -12.48
CA ASP E 46 -14.64 18.80 -13.23
C ASP E 46 -15.09 20.18 -12.81
N LYS E 47 -14.44 21.17 -13.35
CA LYS E 47 -14.65 22.55 -12.84
C LYS E 47 -16.09 23.05 -13.05
N ASP E 48 -16.71 22.70 -14.17
CA ASP E 48 -18.10 23.20 -14.39
C ASP E 48 -19.14 22.33 -13.74
N GLY E 49 -18.75 21.24 -13.08
CA GLY E 49 -19.72 20.50 -12.35
C GLY E 49 -20.67 19.70 -13.25
N ASP E 50 -20.35 19.44 -14.50
CA ASP E 50 -21.34 18.74 -15.36
C ASP E 50 -21.26 17.23 -15.28
N GLY E 51 -20.36 16.70 -14.42
CA GLY E 51 -20.16 15.26 -14.32
C GLY E 51 -19.20 14.63 -15.31
N PHE E 52 -18.58 15.41 -16.19
CA PHE E 52 -17.60 14.92 -17.17
C PHE E 52 -16.35 15.73 -17.06
N ILE E 53 -15.23 15.17 -17.43
CA ILE E 53 -14.01 15.93 -17.62
C ILE E 53 -13.88 16.19 -19.11
N ASP E 54 -13.98 17.46 -19.52
CA ASP E 54 -13.74 17.77 -20.93
C ASP E 54 -12.27 18.03 -21.13
N PHE E 55 -11.87 18.01 -22.38
CA PHE E 55 -10.48 18.22 -22.70
C PHE E 55 -9.90 19.51 -22.12
N GLU E 56 -10.62 20.63 -22.14
CA GLU E 56 -10.05 21.82 -21.49
C GLU E 56 -9.73 21.56 -20.02
N GLU E 57 -10.72 21.02 -19.31
CA GLU E 57 -10.60 20.73 -17.86
C GLU E 57 -9.39 19.79 -17.56
N PHE E 58 -9.24 18.78 -18.40
CA PHE E 58 -8.16 17.81 -18.29
C PHE E 58 -6.78 18.44 -18.55
N ALA E 59 -6.67 19.22 -19.62
CA ALA E 59 -5.44 19.91 -19.93
C ALA E 59 -5.08 20.86 -18.82
N LYS E 60 -6.06 21.55 -18.20
CA LYS E 60 -5.75 22.41 -17.04
C LYS E 60 -5.21 21.57 -15.89
N PHE E 61 -5.80 20.41 -15.67
CA PHE E 61 -5.35 19.50 -14.64
C PHE E 61 -3.90 19.04 -14.88
N TYR E 62 -3.69 18.43 -16.04
CA TYR E 62 -2.41 17.81 -16.42
C TYR E 62 -1.31 18.86 -16.51
N GLY E 63 -1.64 20.04 -17.01
CA GLY E 63 -0.75 21.19 -16.99
C GLY E 63 -0.35 21.64 -15.59
N SER E 64 -1.33 21.60 -14.69
CA SER E 64 -1.15 22.05 -13.33
C SER E 64 -0.31 21.09 -12.44
N ILE E 65 -0.05 19.86 -12.93
CA ILE E 65 0.77 18.88 -12.22
C ILE E 65 2.23 18.76 -12.75
N ALA E 66 2.63 19.73 -13.60
CA ALA E 66 4.03 20.05 -13.94
C ALA E 66 4.88 18.88 -14.41
N MET F 1 1.77 13.61 -23.31
CA MET F 1 0.98 14.66 -23.99
C MET F 1 -0.48 14.58 -23.55
N ALA F 2 -1.04 15.75 -23.24
CA ALA F 2 -2.36 15.83 -22.66
C ALA F 2 -3.42 15.18 -23.58
N GLU F 3 -3.35 15.40 -24.89
CA GLU F 3 -4.31 14.76 -25.87
C GLU F 3 -4.20 13.23 -25.92
N ALA F 4 -2.95 12.75 -25.96
CA ALA F 4 -2.68 11.33 -26.01
C ALA F 4 -3.31 10.73 -24.77
N LEU F 5 -2.92 11.28 -23.62
CA LEU F 5 -3.43 10.80 -22.33
C LEU F 5 -4.97 10.82 -22.32
N PHE F 6 -5.57 11.99 -22.60
CA PHE F 6 -7.06 12.17 -22.64
C PHE F 6 -7.72 11.15 -23.56
N LYS F 7 -7.13 10.98 -24.75
CA LYS F 7 -7.79 10.18 -25.79
C LYS F 7 -7.80 8.71 -25.35
N GLU F 8 -6.80 8.34 -24.54
CA GLU F 8 -6.75 7.00 -23.93
C GLU F 8 -7.78 6.74 -22.82
N ILE F 9 -7.93 7.64 -21.82
CA ILE F 9 -9.01 7.47 -20.78
C ILE F 9 -10.36 7.52 -21.45
N ASP F 10 -10.46 8.33 -22.51
CA ASP F 10 -11.77 8.49 -23.17
C ASP F 10 -12.01 7.32 -24.11
N VAL F 11 -12.34 6.17 -23.48
CA VAL F 11 -12.53 4.86 -24.15
C VAL F 11 -13.50 4.87 -25.35
N ASN F 12 -14.66 5.51 -25.19
CA ASN F 12 -15.67 5.51 -26.23
C ASN F 12 -15.55 6.66 -27.29
N GLY F 13 -14.45 7.43 -27.26
CA GLY F 13 -14.18 8.48 -28.25
C GLY F 13 -15.17 9.64 -28.37
N ASP F 14 -16.00 9.87 -27.33
CA ASP F 14 -17.06 10.91 -27.38
C ASP F 14 -16.57 12.31 -26.93
N GLY F 15 -15.28 12.46 -26.73
CA GLY F 15 -14.71 13.72 -26.29
C GLY F 15 -15.05 14.11 -24.85
N ALA F 16 -15.58 13.19 -24.05
CA ALA F 16 -15.94 13.46 -22.65
C ALA F 16 -15.45 12.33 -21.76
N VAL F 17 -14.64 12.64 -20.74
CA VAL F 17 -14.19 11.63 -19.74
C VAL F 17 -15.18 11.54 -18.59
N SER F 18 -15.90 10.44 -18.54
CA SER F 18 -16.85 10.21 -17.47
C SER F 18 -16.19 9.68 -16.15
N TYR F 19 -16.96 9.64 -15.09
CA TYR F 19 -16.43 9.13 -13.83
C TYR F 19 -16.10 7.63 -14.00
N GLU F 20 -17.03 6.89 -14.62
CA GLU F 20 -16.85 5.45 -14.90
C GLU F 20 -15.61 5.22 -15.77
N GLU F 21 -15.28 6.12 -16.68
CA GLU F 21 -14.08 5.89 -17.50
C GLU F 21 -12.84 6.17 -16.68
N VAL F 22 -12.94 7.06 -15.71
CA VAL F 22 -11.80 7.33 -14.83
C VAL F 22 -11.48 6.07 -14.01
N LYS F 23 -12.52 5.62 -13.35
CA LYS F 23 -12.47 4.44 -12.51
C LYS F 23 -11.98 3.18 -13.28
N ALA F 24 -12.44 3.01 -14.51
CA ALA F 24 -11.97 1.91 -15.34
C ALA F 24 -10.47 2.04 -15.73
N PHE F 25 -10.06 3.28 -16.00
CA PHE F 25 -8.71 3.57 -16.49
C PHE F 25 -7.75 3.32 -15.37
N VAL F 26 -8.14 3.74 -14.17
CA VAL F 26 -7.35 3.53 -12.96
C VAL F 26 -7.19 2.01 -12.73
N SER F 27 -8.29 1.27 -12.86
CA SER F 27 -8.25 -0.17 -12.63
C SER F 27 -7.42 -0.86 -13.68
N LYS F 28 -7.61 -0.47 -14.93
CA LYS F 28 -6.87 -1.05 -16.04
C LYS F 28 -5.39 -0.83 -15.87
N LYS F 29 -5.04 0.39 -15.51
CA LYS F 29 -3.63 0.74 -15.39
C LYS F 29 -2.98 -0.07 -14.24
N ARG F 30 -3.72 -0.29 -13.16
CA ARG F 30 -3.24 -1.04 -12.01
C ARG F 30 -3.00 -2.50 -12.41
N ALA F 31 -3.94 -3.04 -13.18
CA ALA F 31 -3.91 -4.41 -13.66
C ALA F 31 -2.75 -4.68 -14.61
N ILE F 32 -2.47 -3.74 -15.48
CA ILE F 32 -1.43 -3.92 -16.45
C ILE F 32 -0.06 -3.92 -15.77
N LYS F 33 0.13 -2.96 -14.87
CA LYS F 33 1.31 -2.83 -14.06
C LYS F 33 1.62 -4.15 -13.29
N ASN F 34 0.63 -4.63 -12.59
CA ASN F 34 0.77 -5.85 -11.80
C ASN F 34 1.10 -7.05 -12.63
N GLU F 35 0.41 -7.20 -13.75
CA GLU F 35 0.71 -8.25 -14.72
C GLU F 35 2.12 -8.16 -15.30
N GLN F 36 2.58 -6.94 -15.66
CA GLN F 36 3.93 -6.73 -16.19
C GLN F 36 4.95 -7.14 -15.14
N LEU F 37 4.70 -6.74 -13.92
CA LEU F 37 5.61 -7.07 -12.84
C LEU F 37 5.73 -8.58 -12.59
N LEU F 38 4.60 -9.25 -12.69
CA LEU F 38 4.51 -10.64 -12.37
C LEU F 38 5.19 -11.42 -13.46
N GLN F 39 5.01 -10.99 -14.69
CA GLN F 39 5.76 -11.47 -15.86
C GLN F 39 7.29 -11.38 -15.66
N LEU F 40 7.78 -10.21 -15.26
CA LEU F 40 9.22 -10.06 -14.98
C LEU F 40 9.72 -10.98 -13.91
N ILE F 41 8.97 -11.01 -12.81
CA ILE F 41 9.31 -11.92 -11.71
C ILE F 41 9.42 -13.36 -12.21
N PHE F 42 8.40 -13.86 -12.93
CA PHE F 42 8.39 -15.19 -13.46
C PHE F 42 9.66 -15.49 -14.32
N LYS F 43 9.87 -14.61 -15.26
CA LYS F 43 11.00 -14.71 -16.19
C LYS F 43 12.29 -14.78 -15.43
N SER F 44 12.39 -14.04 -14.36
CA SER F 44 13.59 -13.99 -13.57
C SER F 44 13.86 -15.34 -12.90
N ILE F 45 12.78 -16.02 -12.54
CA ILE F 45 12.90 -17.33 -11.88
C ILE F 45 13.16 -18.44 -12.95
N ASP F 46 12.48 -18.38 -14.08
CA ASP F 46 12.63 -19.33 -15.17
C ASP F 46 13.97 -19.10 -15.95
N LYS F 47 15.04 -19.57 -15.34
CA LYS F 47 16.39 -19.33 -15.89
C LYS F 47 16.50 -19.87 -17.31
N ASP F 48 16.11 -21.12 -17.53
CA ASP F 48 16.27 -21.70 -18.86
C ASP F 48 15.25 -21.24 -19.90
N GLY F 49 14.25 -20.44 -19.50
CA GLY F 49 13.39 -19.79 -20.49
C GLY F 49 12.42 -20.77 -21.10
N ASP F 50 12.19 -21.89 -20.42
CA ASP F 50 11.32 -22.90 -20.97
C ASP F 50 9.82 -22.63 -20.66
N GLY F 51 9.50 -21.56 -19.91
CA GLY F 51 8.08 -21.24 -19.57
C GLY F 51 7.58 -21.90 -18.32
N PHE F 52 8.41 -22.70 -17.62
CA PHE F 52 8.00 -23.31 -16.37
C PHE F 52 9.04 -23.07 -15.28
N ILE F 53 8.65 -23.02 -14.05
CA ILE F 53 9.63 -23.03 -12.96
C ILE F 53 9.75 -24.46 -12.43
N ASP F 54 10.97 -25.06 -12.53
CA ASP F 54 11.19 -26.39 -11.98
C ASP F 54 11.63 -26.22 -10.54
N PHE F 55 11.69 -27.31 -9.73
CA PHE F 55 11.99 -27.19 -8.31
C PHE F 55 13.42 -26.67 -8.14
N GLU F 56 14.32 -27.03 -9.05
CA GLU F 56 15.68 -26.49 -9.08
C GLU F 56 15.65 -24.94 -9.19
N GLU F 57 14.87 -24.42 -10.14
CA GLU F 57 14.75 -22.96 -10.32
C GLU F 57 14.08 -22.30 -9.10
N PHE F 58 13.08 -22.95 -8.55
CA PHE F 58 12.29 -22.45 -7.43
C PHE F 58 13.09 -22.39 -6.17
N ALA F 59 13.83 -23.50 -5.95
CA ALA F 59 14.91 -23.58 -4.95
C ALA F 59 15.97 -22.43 -5.04
N LYS F 60 16.61 -22.22 -6.19
CA LYS F 60 17.50 -21.06 -6.32
C LYS F 60 16.72 -19.84 -5.82
N PHE F 61 15.59 -19.56 -6.46
CA PHE F 61 14.84 -18.33 -6.17
C PHE F 61 14.47 -18.18 -4.71
N TYR F 62 14.10 -19.29 -4.09
CA TYR F 62 13.75 -19.33 -2.66
C TYR F 62 14.99 -19.01 -1.82
N GLY F 63 16.18 -19.18 -2.39
CA GLY F 63 17.43 -18.65 -1.82
C GLY F 63 17.38 -17.16 -1.51
N SER F 64 17.31 -16.35 -2.57
CA SER F 64 17.35 -14.86 -2.47
C SER F 64 16.11 -14.24 -1.82
N ILE F 65 14.96 -14.80 -2.13
CA ILE F 65 13.67 -14.20 -1.81
C ILE F 65 12.72 -15.27 -1.26
CA CA G . -2.80 26.78 13.66
CA CA H . 8.83 -12.02 26.38
CA CA I . 18.55 -8.57 20.81
CA CA J . 22.56 -0.78 -21.02
CA CA K . 26.72 -0.60 -23.71
CA CA L . 23.30 9.79 -15.85
CA CA M . -10.72 28.66 4.87
CA CA N . 2.03 -27.52 -12.66
CA CA O . -14.85 -12.72 23.64
CA CA P . -23.31 -9.79 16.05
CA CA Q . -16.92 19.26 -16.73
C1 MPD R . -20.99 -17.84 12.09
C2 MPD R . -19.59 -17.23 12.36
O2 MPD R . -19.74 -16.09 11.51
CM MPD R . -19.67 -16.97 13.87
C3 MPD R . -18.16 -17.69 11.81
C4 MPD R . -16.87 -16.69 12.07
O4 MPD R . -15.60 -16.56 11.23
C5 MPD R . -17.27 -15.21 12.36
CA CA S . -15.91 9.24 -23.08
CA CA T . 12.41 -23.32 -16.36
#